data_4QM6
#
_entry.id   4QM6
#
_cell.length_a   52.310
_cell.length_b   74.420
_cell.length_c   119.620
_cell.angle_alpha   90.00
_cell.angle_beta   90.00
_cell.angle_gamma   90.00
#
_symmetry.space_group_name_H-M   'P 21 21 21'
#
loop_
_entity.id
_entity.type
_entity.pdbx_description
1 polymer Metallophosphoesterase
2 polymer RNA
3 non-polymer "GUANOSINE-5'-TRIPHOSPHATE"
4 non-polymer 'MAGNESIUM ION'
5 non-polymer 'PHOSPHATE ION'
6 non-polymer 'SODIUM ION'
7 water water
#
loop_
_entity_poly.entity_id
_entity_poly.type
_entity_poly.pdbx_seq_one_letter_code
_entity_poly.pdbx_strand_id
1 'polypeptide(L)'
;SMKLTIPELSLVVLIGSSGSGKSTFAKKHFKPTEVISSNFCRGLVSDDENDQTVTGAAFDVLHYIVSKRLQLGKLTVVDA
TNVQESARKPLIEIAKDYHCFPVAVVFNLPEKVCQERNKNRTDRQVEEYVIRKHTQQMKKSIKGLQREGFRYVYILNSPE
EVEEVVFERQP
;
A,B
2 'polyribonucleotide' CCUGU C,D
#
# COMPACT_ATOMS: atom_id res chain seq x y z
N SER A 1 11.62 8.10 9.62
CA SER A 1 10.34 7.61 10.15
C SER A 1 9.54 6.90 9.06
N MET A 2 8.56 6.11 9.50
CA MET A 2 7.65 5.43 8.61
C MET A 2 6.24 5.94 8.91
N LYS A 3 5.79 6.93 8.16
CA LYS A 3 4.53 7.60 8.45
C LYS A 3 3.37 6.85 7.82
N LEU A 4 2.42 6.44 8.66
CA LEU A 4 1.24 5.71 8.20
C LEU A 4 0.02 6.60 8.42
N THR A 5 -0.58 7.06 7.32
CA THR A 5 -1.72 7.96 7.38
C THR A 5 -2.99 7.16 7.53
N ILE A 6 -3.83 7.52 8.50
CA ILE A 6 -5.11 6.86 8.66
C ILE A 6 -6.20 7.86 8.93
N PRO A 7 -7.42 7.60 8.43
CA PRO A 7 -8.52 8.51 8.77
C PRO A 7 -8.97 8.39 10.22
N GLU A 8 -9.63 9.44 10.69
CA GLU A 8 -10.19 9.49 12.04
C GLU A 8 -11.09 8.28 12.30
N LEU A 9 -11.92 7.96 11.32
CA LEU A 9 -12.78 6.78 11.35
C LEU A 9 -12.09 5.64 10.61
N SER A 10 -11.30 4.85 11.32
CA SER A 10 -10.60 3.72 10.71
C SER A 10 -10.87 2.43 11.47
N LEU A 11 -10.88 1.32 10.75
CA LEU A 11 -10.74 0.00 11.34
C LEU A 11 -9.35 -0.50 10.98
N VAL A 12 -8.44 -0.46 11.95
CA VAL A 12 -7.05 -0.84 11.71
C VAL A 12 -6.87 -2.30 12.04
N VAL A 13 -6.56 -3.09 11.02
CA VAL A 13 -6.43 -4.54 11.14
C VAL A 13 -4.95 -4.90 11.17
N LEU A 14 -4.47 -5.33 12.33
CA LEU A 14 -3.09 -5.79 12.45
C LEU A 14 -2.98 -7.20 11.90
N ILE A 15 -1.98 -7.44 11.08
CA ILE A 15 -1.81 -8.75 10.41
C ILE A 15 -0.42 -9.26 10.73
N GLY A 16 -0.34 -10.35 11.49
CA GLY A 16 0.96 -10.87 11.84
C GLY A 16 0.88 -12.14 12.65
N SER A 17 1.92 -12.96 12.52
CA SER A 17 2.09 -14.18 13.30
C SER A 17 2.06 -13.94 14.80
N SER A 18 1.70 -14.96 15.56
CA SER A 18 2.01 -14.94 16.98
C SER A 18 3.50 -14.65 17.11
N GLY A 19 3.84 -13.78 18.06
CA GLY A 19 5.22 -13.40 18.26
C GLY A 19 5.73 -12.22 17.43
N SER A 20 4.91 -11.68 16.54
CA SER A 20 5.35 -10.60 15.65
C SER A 20 5.33 -9.23 16.32
N GLY A 21 4.77 -9.12 17.54
CA GLY A 21 4.77 -7.86 18.27
C GLY A 21 3.51 -7.04 18.16
N LYS A 22 2.41 -7.66 17.73
CA LYS A 22 1.15 -6.92 17.51
C LYS A 22 0.65 -6.20 18.75
N SER A 23 0.56 -6.91 19.88
CA SER A 23 0.01 -6.31 21.09
C SER A 23 0.91 -5.19 21.65
N THR A 24 2.22 -5.38 21.55
CA THR A 24 3.18 -4.37 21.99
C THR A 24 3.08 -3.11 21.13
N PHE A 25 2.92 -3.31 19.83
CA PHE A 25 2.76 -2.22 18.87
C PHE A 25 1.46 -1.47 19.14
N ALA A 26 0.40 -2.23 19.37
CA ALA A 26 -0.91 -1.63 19.57
C ALA A 26 -0.91 -0.72 20.79
N LYS A 27 -0.31 -1.18 21.89
CA LYS A 27 -0.30 -0.33 23.08
C LYS A 27 0.60 0.90 22.93
N LYS A 28 1.67 0.79 22.13
CA LYS A 28 2.52 1.98 21.92
C LYS A 28 1.75 3.08 21.20
N HIS A 29 0.93 2.69 20.22
CA HIS A 29 0.32 3.66 19.31
C HIS A 29 -1.13 4.04 19.58
N PHE A 30 -1.82 3.26 20.40
CA PHE A 30 -3.26 3.45 20.61
C PHE A 30 -3.65 3.30 22.07
N LYS A 31 -4.67 4.01 22.49
CA LYS A 31 -5.14 3.90 23.87
C LYS A 31 -5.86 2.57 24.07
N PRO A 32 -5.95 2.11 25.32
CA PRO A 32 -6.43 0.74 25.56
C PRO A 32 -7.81 0.42 25.00
N THR A 33 -8.75 1.37 25.09
CA THR A 33 -10.10 1.10 24.60
C THR A 33 -10.19 1.12 23.07
N GLU A 34 -9.17 1.65 22.39
CA GLU A 34 -9.14 1.60 20.94
C GLU A 34 -8.73 0.23 20.42
N VAL A 35 -8.15 -0.61 21.28
CA VAL A 35 -7.61 -1.90 20.84
C VAL A 35 -8.51 -3.02 21.34
N ILE A 36 -9.04 -3.83 20.42
CA ILE A 36 -9.80 -5.02 20.82
C ILE A 36 -9.04 -6.27 20.39
N SER A 37 -8.73 -7.10 21.37
CA SER A 37 -7.86 -8.26 21.20
C SER A 37 -8.64 -9.57 21.20
N SER A 38 -8.35 -10.44 20.23
CA SER A 38 -9.02 -11.74 20.21
C SER A 38 -8.65 -12.59 21.41
N ASN A 39 -7.39 -12.56 21.83
CA ASN A 39 -7.00 -13.29 23.03
C ASN A 39 -7.71 -12.76 24.28
N PHE A 40 -7.84 -11.44 24.38
CA PHE A 40 -8.58 -10.87 25.49
C PHE A 40 -10.03 -11.37 25.47
N CYS A 41 -10.61 -11.47 24.28
CA CYS A 41 -11.97 -11.97 24.16
C CYS A 41 -12.10 -13.46 24.53
N ARG A 42 -11.07 -14.26 24.26
CA ARG A 42 -11.05 -15.64 24.76
C ARG A 42 -11.09 -15.63 26.30
N GLY A 43 -10.36 -14.72 26.92
CA GLY A 43 -10.41 -14.56 28.36
C GLY A 43 -11.80 -14.17 28.85
N LEU A 44 -12.44 -13.26 28.13
CA LEU A 44 -13.76 -12.76 28.53
C LEU A 44 -14.77 -13.87 28.61
N VAL A 45 -14.72 -14.79 27.64
CA VAL A 45 -15.73 -15.84 27.57
C VAL A 45 -15.38 -17.11 28.34
N SER A 46 -14.10 -17.32 28.65
CA SER A 46 -13.66 -18.64 29.16
C SER A 46 -12.69 -18.62 30.34
N ASP A 47 -12.21 -17.44 30.72
CA ASP A 47 -11.13 -17.23 31.70
C ASP A 47 -9.72 -17.54 31.18
N ASP A 48 -9.62 -18.06 29.96
CA ASP A 48 -8.32 -18.54 29.45
C ASP A 48 -8.02 -18.01 28.05
N GLU A 49 -7.06 -17.09 27.97
CA GLU A 49 -6.66 -16.50 26.69
C GLU A 49 -6.06 -17.53 25.73
N ASN A 50 -5.61 -18.66 26.26
CA ASN A 50 -4.98 -19.74 25.45
C ASN A 50 -5.97 -20.70 24.80
N ASP A 51 -7.22 -20.66 25.21
CA ASP A 51 -8.17 -21.72 24.87
C ASP A 51 -8.67 -21.60 23.44
N GLN A 52 -8.20 -22.49 22.57
CA GLN A 52 -8.58 -22.44 21.17
C GLN A 52 -10.00 -22.92 20.93
N THR A 53 -10.54 -23.69 21.87
CA THR A 53 -11.88 -24.26 21.69
C THR A 53 -13.00 -23.24 21.84
N VAL A 54 -12.68 -22.06 22.37
CA VAL A 54 -13.69 -21.01 22.52
C VAL A 54 -13.53 -19.91 21.47
N THR A 55 -12.80 -20.24 20.41
CA THR A 55 -12.53 -19.28 19.33
C THR A 55 -13.79 -18.69 18.68
N GLY A 56 -14.81 -19.52 18.43
CA GLY A 56 -16.04 -19.01 17.85
C GLY A 56 -16.72 -17.95 18.70
N ALA A 57 -16.88 -18.26 19.99
CA ALA A 57 -17.45 -17.30 20.95
C ALA A 57 -16.61 -16.02 21.05
N ALA A 58 -15.30 -16.20 21.11
CA ALA A 58 -14.40 -15.06 21.26
C ALA A 58 -14.52 -14.08 20.08
N PHE A 59 -14.53 -14.61 18.86
CA PHE A 59 -14.66 -13.73 17.69
C PHE A 59 -16.07 -13.16 17.53
N ASP A 60 -17.09 -13.91 17.96
CA ASP A 60 -18.43 -13.33 18.01
C ASP A 60 -18.46 -12.08 18.89
N VAL A 61 -17.85 -12.18 20.07
CA VAL A 61 -17.76 -11.05 20.98
C VAL A 61 -16.92 -9.90 20.39
N LEU A 62 -15.76 -10.23 19.82
CA LEU A 62 -14.92 -9.21 19.21
C LEU A 62 -15.65 -8.47 18.10
N HIS A 63 -16.31 -9.20 17.21
CA HIS A 63 -17.04 -8.57 16.11
C HIS A 63 -18.17 -7.67 16.61
N TYR A 64 -18.83 -8.12 17.68
CA TYR A 64 -19.92 -7.33 18.26
C TYR A 64 -19.39 -6.01 18.83
N ILE A 65 -18.29 -6.08 19.55
CA ILE A 65 -17.64 -4.87 20.07
C ILE A 65 -17.21 -3.94 18.94
N VAL A 66 -16.59 -4.50 17.90
CA VAL A 66 -16.19 -3.67 16.76
C VAL A 66 -17.38 -2.96 16.14
N SER A 67 -18.49 -3.68 15.97
CA SER A 67 -19.69 -3.08 15.39
CA SER A 67 -19.68 -3.06 15.38
C SER A 67 -20.22 -1.93 16.23
N LYS A 68 -20.22 -2.10 17.55
CA LYS A 68 -20.70 -1.03 18.41
C LYS A 68 -19.82 0.21 18.33
N ARG A 69 -18.50 0.00 18.31
CA ARG A 69 -17.56 1.12 18.22
C ARG A 69 -17.69 1.87 16.89
N LEU A 70 -17.78 1.14 15.79
CA LEU A 70 -17.85 1.80 14.48
C LEU A 70 -19.19 2.51 14.33
N GLN A 71 -20.24 1.92 14.90
CA GLN A 71 -21.54 2.57 14.94
C GLN A 71 -21.48 3.94 15.63
N LEU A 72 -20.65 4.04 16.67
CA LEU A 72 -20.44 5.29 17.41
C LEU A 72 -19.33 6.17 16.85
N GLY A 73 -18.74 5.76 15.72
CA GLY A 73 -17.72 6.54 15.05
C GLY A 73 -16.37 6.53 15.75
N LYS A 74 -16.04 5.42 16.41
CA LYS A 74 -14.82 5.32 17.18
C LYS A 74 -13.77 4.47 16.47
N LEU A 75 -12.59 5.05 16.26
CA LEU A 75 -11.47 4.30 15.69
C LEU A 75 -11.22 3.03 16.48
N THR A 76 -10.97 1.93 15.76
CA THR A 76 -10.82 0.63 16.39
C THR A 76 -9.68 -0.12 15.76
N VAL A 77 -8.86 -0.77 16.60
CA VAL A 77 -7.72 -1.56 16.15
C VAL A 77 -7.96 -3.00 16.54
N VAL A 78 -7.88 -3.91 15.57
CA VAL A 78 -8.08 -5.34 15.81
C VAL A 78 -6.76 -6.04 16.03
N ASP A 79 -6.52 -6.43 17.27
CA ASP A 79 -5.31 -7.15 17.63
C ASP A 79 -5.63 -8.65 17.61
N ALA A 80 -5.44 -9.22 16.43
CA ALA A 80 -5.56 -10.66 16.20
C ALA A 80 -4.58 -10.97 15.08
N THR A 81 -4.34 -12.24 14.78
CA THR A 81 -3.37 -12.54 13.72
C THR A 81 -3.84 -12.08 12.34
N ASN A 82 -5.11 -12.28 12.02
CA ASN A 82 -5.67 -11.83 10.77
C ASN A 82 -4.90 -12.32 9.53
N VAL A 83 -4.29 -13.49 9.66
CA VAL A 83 -3.49 -14.05 8.57
C VAL A 83 -4.29 -14.91 7.61
N GLN A 84 -5.52 -15.26 7.99
CA GLN A 84 -6.43 -15.96 7.07
C GLN A 84 -7.41 -14.99 6.44
N GLU A 85 -7.64 -15.14 5.14
CA GLU A 85 -8.63 -14.31 4.45
C GLU A 85 -10.01 -14.42 5.11
N SER A 86 -10.37 -15.62 5.56
CA SER A 86 -11.68 -15.81 6.19
C SER A 86 -11.84 -15.07 7.52
N ALA A 87 -10.73 -14.70 8.15
CA ALA A 87 -10.77 -13.89 9.37
C ALA A 87 -10.91 -12.40 9.03
N ARG A 88 -10.27 -11.98 7.93
CA ARG A 88 -10.32 -10.58 7.53
C ARG A 88 -11.67 -10.21 6.93
N LYS A 89 -12.28 -11.15 6.22
CA LYS A 89 -13.54 -10.87 5.52
C LYS A 89 -14.66 -10.24 6.39
N PRO A 90 -14.98 -10.84 7.55
CA PRO A 90 -16.03 -10.22 8.34
C PRO A 90 -15.68 -8.82 8.86
N LEU A 91 -14.39 -8.57 9.07
CA LEU A 91 -13.95 -7.25 9.53
C LEU A 91 -14.17 -6.19 8.45
N ILE A 92 -13.85 -6.55 7.21
CA ILE A 92 -14.09 -5.66 6.07
CA ILE A 92 -14.08 -5.65 6.08
C ILE A 92 -15.58 -5.35 5.94
N GLU A 93 -16.40 -6.38 6.15
CA GLU A 93 -17.85 -6.20 6.04
C GLU A 93 -18.39 -5.26 7.10
N ILE A 94 -17.92 -5.41 8.35
CA ILE A 94 -18.38 -4.53 9.42
C ILE A 94 -18.00 -3.09 9.10
N ALA A 95 -16.76 -2.89 8.64
CA ALA A 95 -16.32 -1.54 8.27
C ALA A 95 -17.21 -0.96 7.18
N LYS A 96 -17.57 -1.78 6.20
CA LYS A 96 -18.44 -1.34 5.11
C LYS A 96 -19.81 -0.94 5.63
N ASP A 97 -20.35 -1.72 6.56
CA ASP A 97 -21.66 -1.46 7.15
C ASP A 97 -21.72 -0.07 7.77
N TYR A 98 -20.61 0.40 8.32
CA TYR A 98 -20.58 1.66 9.03
C TYR A 98 -19.75 2.75 8.37
N HIS A 99 -19.51 2.59 7.06
CA HIS A 99 -18.84 3.58 6.24
C HIS A 99 -17.48 3.97 6.82
N CYS A 100 -16.78 2.96 7.30
CA CYS A 100 -15.46 3.15 7.90
CA CYS A 100 -15.48 3.11 7.93
C CYS A 100 -14.40 2.59 6.98
N PHE A 101 -13.21 3.19 7.03
CA PHE A 101 -12.13 2.76 6.14
C PHE A 101 -11.29 1.64 6.76
N PRO A 102 -11.20 0.48 6.08
CA PRO A 102 -10.32 -0.56 6.61
C PRO A 102 -8.87 -0.31 6.22
N VAL A 103 -7.99 -0.47 7.20
CA VAL A 103 -6.56 -0.25 7.01
C VAL A 103 -5.83 -1.52 7.43
N ALA A 104 -4.91 -2.02 6.59
CA ALA A 104 -4.10 -3.19 6.93
C ALA A 104 -2.71 -2.74 7.34
N VAL A 105 -2.24 -3.26 8.46
CA VAL A 105 -0.87 -3.06 8.90
C VAL A 105 -0.24 -4.43 9.08
N VAL A 106 0.69 -4.76 8.19
CA VAL A 106 1.26 -6.11 8.12
C VAL A 106 2.66 -6.17 8.71
N PHE A 107 2.85 -7.11 9.63
CA PHE A 107 4.13 -7.36 10.27
C PHE A 107 4.87 -8.43 9.47
N ASN A 108 5.51 -8.00 8.39
CA ASN A 108 6.19 -8.92 7.48
C ASN A 108 7.61 -9.20 7.96
N LEU A 109 7.69 -9.88 9.10
CA LEU A 109 8.95 -10.19 9.76
C LEU A 109 9.34 -11.63 9.48
N PRO A 110 10.64 -11.93 9.54
CA PRO A 110 11.04 -13.33 9.33
C PRO A 110 10.46 -14.25 10.39
N GLU A 111 10.19 -15.49 9.98
CA GLU A 111 9.67 -16.49 10.91
C GLU A 111 10.58 -16.62 12.11
N LYS A 112 11.89 -16.58 11.86
CA LYS A 112 12.89 -16.78 12.91
C LYS A 112 12.76 -15.76 14.03
N VAL A 113 12.46 -14.51 13.67
CA VAL A 113 12.29 -13.46 14.66
C VAL A 113 11.12 -13.78 15.58
N CYS A 114 10.00 -14.18 14.98
CA CYS A 114 8.82 -14.55 15.75
C CYS A 114 9.06 -15.77 16.63
N GLN A 115 9.74 -16.78 16.08
CA GLN A 115 10.07 -17.98 16.84
C GLN A 115 10.91 -17.67 18.06
N GLU A 116 11.93 -16.81 17.90
CA GLU A 116 12.81 -16.53 19.03
C GLU A 116 12.10 -15.69 20.09
N ARG A 117 11.26 -14.74 19.65
CA ARG A 117 10.45 -14.00 20.59
C ARG A 117 9.52 -14.91 21.38
N ASN A 118 8.89 -15.85 20.68
CA ASN A 118 7.98 -16.80 21.30
C ASN A 118 8.67 -17.64 22.39
N LYS A 119 9.88 -18.11 22.11
CA LYS A 119 10.63 -18.93 23.05
C LYS A 119 10.95 -18.21 24.36
N ASN A 120 11.12 -16.90 24.30
CA ASN A 120 11.53 -16.10 25.46
C ASN A 120 10.36 -15.48 26.21
N ARG A 121 9.15 -15.76 25.76
CA ARG A 121 7.96 -15.23 26.41
C ARG A 121 7.68 -15.97 27.69
N THR A 122 7.21 -15.23 28.69
CA THR A 122 6.80 -15.85 29.95
C THR A 122 5.30 -15.75 30.17
N ASP A 123 4.63 -14.95 29.35
CA ASP A 123 3.18 -14.76 29.50
C ASP A 123 2.37 -15.85 28.81
N ARG A 124 2.74 -16.16 27.58
CA ARG A 124 2.05 -17.16 26.77
C ARG A 124 2.95 -17.54 25.61
N GLN A 125 2.90 -18.81 25.22
CA GLN A 125 3.65 -19.29 24.07
C GLN A 125 2.76 -20.16 23.19
N VAL A 126 3.16 -20.30 21.93
CA VAL A 126 2.53 -21.29 21.03
C VAL A 126 3.61 -22.24 20.52
N GLU A 127 3.17 -23.33 19.90
CA GLU A 127 4.11 -24.31 19.35
CA GLU A 127 4.13 -24.29 19.37
C GLU A 127 4.72 -23.80 18.05
N GLU A 128 5.91 -24.29 17.73
CA GLU A 128 6.63 -23.85 16.54
C GLU A 128 5.81 -23.95 15.25
N TYR A 129 5.04 -25.03 15.10
CA TYR A 129 4.27 -25.20 13.87
C TYR A 129 3.26 -24.08 13.67
N VAL A 130 2.80 -23.49 14.76
CA VAL A 130 1.81 -22.44 14.68
C VAL A 130 2.41 -21.18 14.03
N ILE A 131 3.59 -20.80 14.50
CA ILE A 131 4.27 -19.61 13.95
C ILE A 131 4.76 -19.84 12.51
N ARG A 132 5.21 -21.06 12.23
CA ARG A 132 5.60 -21.38 10.86
C ARG A 132 4.40 -21.21 9.92
N LYS A 133 3.24 -21.72 10.33
CA LYS A 133 2.02 -21.57 9.54
C LYS A 133 1.59 -20.10 9.41
N HIS A 134 1.55 -19.39 10.54
CA HIS A 134 1.12 -17.99 10.50
C HIS A 134 1.97 -17.16 9.56
N THR A 135 3.28 -17.41 9.58
CA THR A 135 4.19 -16.62 8.75
C THR A 135 3.96 -16.91 7.27
N GLN A 136 3.76 -18.18 6.93
CA GLN A 136 3.44 -18.54 5.55
C GLN A 136 2.14 -17.87 5.11
N GLN A 137 1.13 -17.87 5.99
CA GLN A 137 -0.17 -17.31 5.65
C GLN A 137 -0.10 -15.80 5.49
N MET A 138 0.64 -15.15 6.37
CA MET A 138 0.86 -13.71 6.29
C MET A 138 1.50 -13.35 4.95
N LYS A 139 2.54 -14.08 4.56
CA LYS A 139 3.25 -13.71 3.33
C LYS A 139 2.38 -13.88 2.10
N LYS A 140 1.57 -14.94 2.11
CA LYS A 140 0.68 -15.24 0.99
C LYS A 140 -0.48 -14.25 0.91
N SER A 141 -0.78 -13.57 2.02
CA SER A 141 -1.89 -12.62 2.09
C SER A 141 -1.59 -11.25 1.50
N ILE A 142 -0.32 -10.87 1.47
CA ILE A 142 0.06 -9.48 1.17
C ILE A 142 -0.46 -8.97 -0.17
N LYS A 143 -0.26 -9.75 -1.23
CA LYS A 143 -0.58 -9.27 -2.57
C LYS A 143 -2.06 -8.91 -2.73
N GLY A 144 -2.95 -9.70 -2.13
CA GLY A 144 -4.37 -9.52 -2.33
C GLY A 144 -5.11 -8.59 -1.38
N LEU A 145 -4.42 -7.98 -0.43
CA LEU A 145 -5.13 -7.18 0.57
C LEU A 145 -5.91 -5.98 0.01
N GLN A 146 -5.34 -5.25 -0.93
CA GLN A 146 -6.03 -4.11 -1.52
CA GLN A 146 -6.07 -4.11 -1.47
C GLN A 146 -7.34 -4.58 -2.18
N ARG A 147 -7.25 -5.66 -2.93
CA ARG A 147 -8.41 -6.20 -3.62
C ARG A 147 -9.50 -6.72 -2.65
N GLU A 148 -9.09 -7.17 -1.46
CA GLU A 148 -10.06 -7.57 -0.41
C GLU A 148 -10.89 -6.40 0.09
N GLY A 149 -10.37 -5.18 -0.08
CA GLY A 149 -11.09 -3.99 0.34
C GLY A 149 -10.36 -3.09 1.31
N PHE A 150 -9.10 -3.43 1.63
CA PHE A 150 -8.29 -2.53 2.46
C PHE A 150 -7.90 -1.30 1.66
N ARG A 151 -8.35 -0.14 2.14
CA ARG A 151 -8.19 1.13 1.43
C ARG A 151 -6.77 1.66 1.55
N TYR A 152 -6.12 1.36 2.66
CA TYR A 152 -4.70 1.60 2.83
C TYR A 152 -4.06 0.31 3.27
N VAL A 153 -2.93 -0.03 2.63
CA VAL A 153 -2.19 -1.24 2.97
C VAL A 153 -0.76 -0.84 3.29
N TYR A 154 -0.36 -1.07 4.54
CA TYR A 154 0.97 -0.73 5.02
C TYR A 154 1.71 -2.00 5.40
N ILE A 155 2.87 -2.22 4.78
CA ILE A 155 3.68 -3.39 5.07
C ILE A 155 4.94 -2.97 5.80
N LEU A 156 5.23 -3.63 6.91
CA LEU A 156 6.42 -3.34 7.70
C LEU A 156 7.37 -4.52 7.55
N ASN A 157 8.55 -4.27 6.97
CA ASN A 157 9.40 -5.35 6.48
C ASN A 157 10.60 -5.73 7.35
N SER A 158 10.71 -5.09 8.51
CA SER A 158 11.79 -5.39 9.46
C SER A 158 11.43 -4.80 10.82
N PRO A 159 12.08 -5.29 11.89
CA PRO A 159 11.87 -4.64 13.19
C PRO A 159 12.23 -3.15 13.17
N GLU A 160 13.21 -2.78 12.37
CA GLU A 160 13.59 -1.37 12.27
C GLU A 160 12.46 -0.51 11.68
N GLU A 161 11.79 -1.03 10.65
CA GLU A 161 10.65 -0.33 10.08
C GLU A 161 9.48 -0.24 11.07
N VAL A 162 9.24 -1.33 11.81
CA VAL A 162 8.20 -1.31 12.83
C VAL A 162 8.49 -0.21 13.88
N GLU A 163 9.74 -0.11 14.29
CA GLU A 163 10.12 0.84 15.34
C GLU A 163 9.94 2.29 14.89
N GLU A 164 10.08 2.52 13.58
CA GLU A 164 9.98 3.86 13.01
C GLU A 164 8.56 4.37 12.79
N VAL A 165 7.57 3.51 13.01
CA VAL A 165 6.20 3.87 12.69
C VAL A 165 5.68 5.08 13.46
N VAL A 166 5.06 6.00 12.73
CA VAL A 166 4.27 7.07 13.32
C VAL A 166 2.93 7.11 12.60
N PHE A 167 1.83 6.98 13.34
CA PHE A 167 0.52 7.15 12.75
C PHE A 167 0.17 8.63 12.66
N GLU A 168 -0.33 9.03 11.49
CA GLU A 168 -0.86 10.37 11.32
C GLU A 168 -2.35 10.24 11.13
N ARG A 169 -3.10 10.58 12.17
CA ARG A 169 -4.55 10.43 12.15
C ARG A 169 -5.14 11.70 11.54
N GLN A 170 -5.79 11.55 10.38
CA GLN A 170 -6.25 12.71 9.62
C GLN A 170 -7.70 13.07 9.94
N PRO A 171 -7.92 14.31 10.39
CA PRO A 171 -9.23 14.80 10.83
C PRO A 171 -10.26 14.84 9.69
N SER B 1 -14.88 -2.40 -7.49
CA SER B 1 -14.39 -1.04 -7.27
C SER B 1 -12.98 -1.04 -6.69
N MET B 2 -12.08 -0.30 -7.34
CA MET B 2 -10.72 -0.13 -6.84
CA MET B 2 -10.72 -0.13 -6.85
C MET B 2 -10.48 1.34 -6.50
N LYS B 3 -10.93 1.75 -5.32
CA LYS B 3 -10.85 3.14 -4.93
C LYS B 3 -9.47 3.48 -4.39
N LEU B 4 -8.84 4.47 -5.00
CA LEU B 4 -7.52 4.92 -4.61
C LEU B 4 -7.62 6.32 -4.03
N THR B 5 -7.40 6.44 -2.73
CA THR B 5 -7.51 7.73 -2.06
C THR B 5 -6.21 8.49 -2.17
N ILE B 6 -6.28 9.74 -2.59
CA ILE B 6 -5.09 10.58 -2.62
C ILE B 6 -5.38 11.96 -2.07
N PRO B 7 -4.38 12.58 -1.42
CA PRO B 7 -4.58 13.96 -0.99
C PRO B 7 -4.59 14.94 -2.16
N GLU B 8 -5.22 16.10 -1.96
CA GLU B 8 -5.28 17.12 -3.00
C GLU B 8 -3.89 17.54 -3.42
N LEU B 9 -2.96 17.55 -2.48
CA LEU B 9 -1.58 17.88 -2.81
C LEU B 9 -0.73 16.61 -2.86
N SER B 10 -0.79 15.93 -4.01
CA SER B 10 -0.10 14.67 -4.24
C SER B 10 0.88 14.81 -5.39
N LEU B 11 2.00 14.08 -5.29
CA LEU B 11 2.83 13.77 -6.45
C LEU B 11 2.60 12.30 -6.75
N VAL B 12 1.84 12.04 -7.82
CA VAL B 12 1.47 10.68 -8.19
C VAL B 12 2.47 10.15 -9.20
N VAL B 13 3.21 9.11 -8.80
CA VAL B 13 4.26 8.55 -9.63
C VAL B 13 3.75 7.24 -10.23
N LEU B 14 3.52 7.24 -11.53
CA LEU B 14 3.11 6.04 -12.24
C LEU B 14 4.32 5.15 -12.50
N ILE B 15 4.18 3.87 -12.16
CA ILE B 15 5.31 2.94 -12.28
C ILE B 15 4.90 1.78 -13.17
N GLY B 16 5.53 1.66 -14.33
CA GLY B 16 5.14 0.60 -15.24
C GLY B 16 5.98 0.56 -16.50
N SER B 17 6.07 -0.64 -17.06
CA SER B 17 6.77 -0.86 -18.31
C SER B 17 6.20 -0.04 -19.46
N SER B 18 7.00 0.21 -20.48
CA SER B 18 6.43 0.63 -21.75
C SER B 18 5.33 -0.35 -22.13
N GLY B 19 4.21 0.17 -22.61
CA GLY B 19 3.09 -0.65 -23.01
C GLY B 19 2.12 -1.00 -21.89
N SER B 20 2.39 -0.58 -20.66
CA SER B 20 1.53 -0.95 -19.52
C SER B 20 0.27 -0.10 -19.39
N GLY B 21 0.21 0.99 -20.17
CA GLY B 21 -0.99 1.81 -20.23
C GLY B 21 -0.95 3.06 -19.36
N LYS B 22 0.24 3.52 -19.00
CA LYS B 22 0.40 4.69 -18.14
C LYS B 22 -0.23 5.95 -18.73
N SER B 23 0.07 6.26 -19.99
CA SER B 23 -0.43 7.51 -20.58
C SER B 23 -1.96 7.47 -20.75
N THR B 24 -2.48 6.32 -21.14
CA THR B 24 -3.92 6.12 -21.25
C THR B 24 -4.61 6.34 -19.90
N PHE B 25 -4.05 5.75 -18.85
CA PHE B 25 -4.55 5.87 -17.49
C PHE B 25 -4.52 7.32 -17.02
N ALA B 26 -3.41 8.00 -17.28
CA ALA B 26 -3.27 9.39 -16.84
C ALA B 26 -4.31 10.30 -17.50
N LYS B 27 -4.57 10.07 -18.78
CA LYS B 27 -5.55 10.86 -19.53
C LYS B 27 -6.97 10.61 -19.00
N LYS B 28 -7.25 9.36 -18.61
CA LYS B 28 -8.57 9.01 -18.09
C LYS B 28 -8.86 9.67 -16.75
N HIS B 29 -7.85 9.73 -15.88
CA HIS B 29 -8.06 10.09 -14.48
C HIS B 29 -7.69 11.51 -14.04
N PHE B 30 -6.90 12.20 -14.85
CA PHE B 30 -6.36 13.51 -14.47
C PHE B 30 -6.53 14.55 -15.56
N LYS B 31 -6.42 15.82 -15.18
CA LYS B 31 -6.42 16.91 -16.16
C LYS B 31 -5.14 16.88 -16.99
N PRO B 32 -5.20 17.33 -18.26
CA PRO B 32 -3.99 17.28 -19.08
C PRO B 32 -2.82 18.05 -18.47
N THR B 33 -3.07 19.19 -17.84
CA THR B 33 -1.98 19.95 -17.24
C THR B 33 -1.47 19.35 -15.92
N GLU B 34 -2.20 18.41 -15.35
CA GLU B 34 -1.73 17.70 -14.16
C GLU B 34 -0.70 16.64 -14.50
N VAL B 35 -0.65 16.23 -15.77
CA VAL B 35 0.20 15.12 -16.19
C VAL B 35 1.44 15.63 -16.90
N ILE B 36 2.62 15.31 -16.36
CA ILE B 36 3.86 15.63 -17.04
C ILE B 36 4.57 14.35 -17.47
N SER B 37 4.81 14.26 -18.78
CA SER B 37 5.30 13.04 -19.41
C SER B 37 6.76 13.17 -19.82
N SER B 38 7.56 12.15 -19.50
CA SER B 38 8.96 12.19 -19.91
C SER B 38 9.12 12.16 -21.43
N ASN B 39 8.28 11.39 -22.13
CA ASN B 39 8.36 11.37 -23.60
C ASN B 39 8.00 12.74 -24.19
N PHE B 40 7.00 13.39 -23.61
CA PHE B 40 6.64 14.73 -24.05
C PHE B 40 7.83 15.67 -23.85
N CYS B 41 8.54 15.51 -22.74
CA CYS B 41 9.72 16.34 -22.49
C CYS B 41 10.87 16.07 -23.46
N ARG B 42 11.01 14.81 -23.91
CA ARG B 42 11.96 14.51 -24.98
C ARG B 42 11.59 15.30 -26.24
N GLY B 43 10.29 15.37 -26.54
CA GLY B 43 9.82 16.18 -27.65
C GLY B 43 10.10 17.66 -27.45
N LEU B 44 9.90 18.16 -26.23
CA LEU B 44 10.12 19.58 -25.95
C LEU B 44 11.55 20.02 -26.26
N VAL B 45 12.52 19.17 -25.91
CA VAL B 45 13.92 19.57 -26.05
C VAL B 45 14.54 19.22 -27.42
N SER B 46 13.98 18.24 -28.12
CA SER B 46 14.65 17.68 -29.31
C SER B 46 13.78 17.49 -30.56
N ASP B 47 12.49 17.75 -30.45
CA ASP B 47 11.48 17.45 -31.48
C ASP B 47 11.11 15.97 -31.60
N ASP B 48 11.79 15.10 -30.83
CA ASP B 48 11.64 13.66 -31.02
C ASP B 48 11.38 12.95 -29.69
N GLU B 49 10.13 12.52 -29.47
CA GLU B 49 9.78 11.81 -28.23
C GLU B 49 10.51 10.48 -28.07
N ASN B 50 11.01 9.94 -29.18
CA ASN B 50 11.65 8.63 -29.18
C ASN B 50 13.15 8.68 -28.91
N ASP B 51 13.71 9.89 -28.82
CA ASP B 51 15.17 10.04 -28.77
C ASP B 51 15.74 9.79 -27.38
N GLN B 52 16.40 8.66 -27.19
CA GLN B 52 16.95 8.31 -25.88
C GLN B 52 18.20 9.11 -25.52
N THR B 53 18.83 9.71 -26.51
CA THR B 53 20.07 10.43 -26.25
C THR B 53 19.82 11.78 -25.57
N VAL B 54 18.58 12.24 -25.55
CA VAL B 54 18.25 13.51 -24.89
C VAL B 54 17.54 13.29 -23.56
N THR B 55 17.65 12.07 -23.05
CA THR B 55 17.06 11.70 -21.76
C THR B 55 17.44 12.62 -20.60
N GLY B 56 18.72 12.99 -20.53
CA GLY B 56 19.17 13.83 -19.44
C GLY B 56 18.45 15.17 -19.43
N ALA B 57 18.42 15.82 -20.59
CA ALA B 57 17.76 17.11 -20.72
C ALA B 57 16.27 17.00 -20.48
N ALA B 58 15.65 15.93 -20.98
CA ALA B 58 14.22 15.73 -20.83
C ALA B 58 13.83 15.63 -19.36
N PHE B 59 14.59 14.85 -18.60
CA PHE B 59 14.27 14.69 -17.18
C PHE B 59 14.63 15.94 -16.37
N ASP B 60 15.64 16.69 -16.82
CA ASP B 60 15.91 17.96 -16.15
C ASP B 60 14.69 18.87 -16.29
N VAL B 61 14.13 18.92 -17.50
CA VAL B 61 12.94 19.73 -17.74
C VAL B 61 11.74 19.22 -16.93
N LEU B 62 11.50 17.90 -16.95
CA LEU B 62 10.39 17.31 -16.22
C LEU B 62 10.48 17.63 -14.72
N HIS B 63 11.66 17.43 -14.14
CA HIS B 63 11.86 17.72 -12.72
C HIS B 63 11.61 19.20 -12.43
N TYR B 64 12.04 20.06 -13.34
CA TYR B 64 11.84 21.50 -13.11
C TYR B 64 10.35 21.85 -13.09
N ILE B 65 9.60 21.30 -14.05
CA ILE B 65 8.17 21.48 -14.08
C ILE B 65 7.48 20.94 -12.81
N VAL B 66 7.86 19.74 -12.40
CA VAL B 66 7.31 19.16 -11.16
C VAL B 66 7.56 20.10 -9.98
N SER B 67 8.79 20.64 -9.89
CA SER B 67 9.14 21.53 -8.79
CA SER B 67 9.11 21.51 -8.77
C SER B 67 8.27 22.78 -8.78
N LYS B 68 8.04 23.37 -9.95
CA LYS B 68 7.20 24.57 -10.00
C LYS B 68 5.77 24.26 -9.59
N ARG B 69 5.23 23.14 -10.05
CA ARG B 69 3.86 22.77 -9.69
C ARG B 69 3.73 22.54 -8.20
N LEU B 70 4.68 21.84 -7.62
CA LEU B 70 4.58 21.55 -6.19
C LEU B 70 4.80 22.80 -5.34
N GLN B 71 5.63 23.73 -5.81
CA GLN B 71 5.81 25.03 -5.16
C GLN B 71 4.47 25.75 -5.07
N LEU B 72 3.67 25.59 -6.12
CA LEU B 72 2.38 26.27 -6.23
C LEU B 72 1.22 25.45 -5.69
N GLY B 73 1.53 24.29 -5.09
CA GLY B 73 0.53 23.45 -4.47
C GLY B 73 -0.41 22.77 -5.44
N LYS B 74 0.11 22.39 -6.60
CA LYS B 74 -0.69 21.74 -7.64
C LYS B 74 -0.41 20.24 -7.75
N LEU B 75 -1.46 19.44 -7.66
CA LEU B 75 -1.35 17.98 -7.86
C LEU B 75 -0.63 17.71 -9.18
N THR B 76 0.29 16.74 -9.16
CA THR B 76 1.11 16.46 -10.34
C THR B 76 1.25 14.96 -10.49
N VAL B 77 1.14 14.49 -11.73
CA VAL B 77 1.26 13.07 -12.06
C VAL B 77 2.47 12.91 -12.99
N VAL B 78 3.40 12.04 -12.61
CA VAL B 78 4.57 11.78 -13.45
C VAL B 78 4.34 10.57 -14.32
N ASP B 79 4.19 10.81 -15.62
CA ASP B 79 4.01 9.75 -16.60
C ASP B 79 5.37 9.42 -17.21
N ALA B 80 6.07 8.49 -16.56
CA ALA B 80 7.34 7.94 -17.02
C ALA B 80 7.33 6.52 -16.48
N THR B 81 8.32 5.70 -16.88
CA THR B 81 8.30 4.32 -16.40
C THR B 81 8.54 4.22 -14.90
N ASN B 82 9.48 4.99 -14.37
CA ASN B 82 9.76 5.01 -12.94
C ASN B 82 10.08 3.65 -12.35
N VAL B 83 10.67 2.78 -13.17
CA VAL B 83 10.95 1.41 -12.73
C VAL B 83 12.33 1.26 -12.10
N GLN B 84 13.17 2.28 -12.23
CA GLN B 84 14.46 2.32 -11.56
C GLN B 84 14.37 3.18 -10.30
N GLU B 85 14.92 2.70 -9.18
CA GLU B 85 14.98 3.50 -7.96
C GLU B 85 15.64 4.85 -8.20
N SER B 86 16.66 4.86 -9.06
CA SER B 86 17.38 6.10 -9.35
C SER B 86 16.51 7.13 -10.06
N ALA B 87 15.45 6.69 -10.72
CA ALA B 87 14.48 7.60 -11.32
C ALA B 87 13.49 8.13 -10.28
N ARG B 88 13.08 7.27 -9.36
CA ARG B 88 12.12 7.69 -8.34
C ARG B 88 12.72 8.62 -7.29
N LYS B 89 14.00 8.41 -6.97
CA LYS B 89 14.66 9.14 -5.90
C LYS B 89 14.55 10.67 -6.01
N PRO B 90 14.89 11.24 -7.19
CA PRO B 90 14.76 12.71 -7.27
C PRO B 90 13.33 13.20 -7.16
N LEU B 91 12.36 12.40 -7.57
CA LEU B 91 10.96 12.80 -7.44
C LEU B 91 10.54 12.87 -5.97
N ILE B 92 10.94 11.86 -5.20
CA ILE B 92 10.67 11.84 -3.76
C ILE B 92 11.32 13.07 -3.12
N GLU B 93 12.53 13.41 -3.55
CA GLU B 93 13.24 14.57 -2.99
C GLU B 93 12.50 15.89 -3.28
N ILE B 94 11.98 16.05 -4.49
CA ILE B 94 11.21 17.25 -4.82
C ILE B 94 9.95 17.35 -3.95
N ALA B 95 9.23 16.24 -3.83
CA ALA B 95 8.04 16.20 -2.98
C ALA B 95 8.39 16.58 -1.54
N LYS B 96 9.53 16.10 -1.04
CA LYS B 96 9.95 16.40 0.32
C LYS B 96 10.23 17.89 0.50
N ASP B 97 10.87 18.49 -0.51
CA ASP B 97 11.20 19.92 -0.47
C ASP B 97 9.98 20.80 -0.32
N TYR B 98 8.86 20.36 -0.87
CA TYR B 98 7.66 21.19 -0.91
C TYR B 98 6.50 20.63 -0.10
N HIS B 99 6.82 19.70 0.81
CA HIS B 99 5.85 19.13 1.76
C HIS B 99 4.66 18.49 1.06
N CYS B 100 4.97 17.75 0.01
CA CYS B 100 3.94 17.09 -0.76
CA CYS B 100 3.98 17.10 -0.81
C CYS B 100 3.99 15.59 -0.57
N PHE B 101 2.83 14.95 -0.70
CA PHE B 101 2.71 13.51 -0.45
CA PHE B 101 2.60 13.52 -0.46
C PHE B 101 2.94 12.70 -1.71
N PRO B 102 4.01 11.87 -1.69
CA PRO B 102 4.24 11.01 -2.86
C PRO B 102 3.35 9.78 -2.82
N VAL B 103 2.76 9.46 -3.98
CA VAL B 103 1.86 8.33 -4.14
C VAL B 103 2.41 7.46 -5.26
N ALA B 104 2.52 6.16 -5.04
CA ALA B 104 2.93 5.23 -6.10
C ALA B 104 1.72 4.49 -6.64
N VAL B 105 1.59 4.44 -7.97
CA VAL B 105 0.59 3.62 -8.63
C VAL B 105 1.32 2.70 -9.59
N VAL B 106 1.35 1.40 -9.26
CA VAL B 106 2.15 0.42 -9.99
C VAL B 106 1.28 -0.43 -10.90
N PHE B 107 1.69 -0.52 -12.16
CA PHE B 107 1.01 -1.34 -13.15
C PHE B 107 1.68 -2.70 -13.19
N ASN B 108 1.28 -3.54 -12.24
CA ASN B 108 1.85 -4.88 -12.11
C ASN B 108 1.16 -5.86 -13.05
N LEU B 109 1.38 -5.64 -14.34
CA LEU B 109 0.77 -6.43 -15.40
C LEU B 109 1.76 -7.46 -15.96
N PRO B 110 1.25 -8.58 -16.49
CA PRO B 110 2.17 -9.57 -17.05
C PRO B 110 2.93 -8.96 -18.23
N GLU B 111 4.20 -9.36 -18.37
CA GLU B 111 5.00 -8.92 -19.49
C GLU B 111 4.30 -9.14 -20.83
N LYS B 112 3.61 -10.28 -20.95
CA LYS B 112 2.94 -10.63 -22.20
C LYS B 112 1.93 -9.58 -22.64
N VAL B 113 1.20 -9.00 -21.69
CA VAL B 113 0.20 -7.98 -22.02
C VAL B 113 0.90 -6.74 -22.59
N CYS B 114 1.99 -6.33 -21.96
CA CYS B 114 2.74 -5.17 -22.44
C CYS B 114 3.38 -5.43 -23.81
N GLN B 115 3.91 -6.62 -24.01
CA GLN B 115 4.53 -6.95 -25.30
C GLN B 115 3.49 -6.94 -26.42
N GLU B 116 2.31 -7.48 -26.13
CA GLU B 116 1.23 -7.52 -27.12
C GLU B 116 0.79 -6.12 -27.50
N ARG B 117 0.59 -5.28 -26.50
CA ARG B 117 0.21 -3.89 -26.77
C ARG B 117 1.27 -3.16 -27.59
N ASN B 118 2.53 -3.34 -27.21
CA ASN B 118 3.65 -2.75 -27.94
C ASN B 118 3.68 -3.20 -29.40
N LYS B 119 3.43 -4.47 -29.64
CA LYS B 119 3.44 -5.04 -30.99
CA LYS B 119 3.47 -5.03 -30.99
C LYS B 119 2.43 -4.35 -31.90
N ASN B 120 1.31 -3.97 -31.31
CA ASN B 120 0.19 -3.41 -32.06
C ASN B 120 0.14 -1.89 -32.12
N ARG B 121 1.13 -1.24 -31.49
CA ARG B 121 1.17 0.22 -31.47
C ARG B 121 1.62 0.82 -32.79
N THR B 122 1.00 1.94 -33.16
CA THR B 122 1.32 2.66 -34.38
C THR B 122 2.02 3.98 -34.06
N ASP B 123 1.94 4.42 -32.80
CA ASP B 123 2.52 5.69 -32.40
C ASP B 123 4.03 5.61 -32.13
N ARG B 124 4.42 4.67 -31.29
CA ARG B 124 5.81 4.49 -30.91
C ARG B 124 5.94 3.08 -30.33
N GLN B 125 7.06 2.42 -30.61
CA GLN B 125 7.31 1.08 -30.09
C GLN B 125 8.71 1.01 -29.51
N VAL B 126 8.93 0.04 -28.63
CA VAL B 126 10.26 -0.28 -28.15
C VAL B 126 10.57 -1.74 -28.50
N GLU B 127 11.85 -2.12 -28.39
CA GLU B 127 12.24 -3.50 -28.66
C GLU B 127 11.78 -4.42 -27.53
N GLU B 128 11.62 -5.70 -27.82
CA GLU B 128 11.12 -6.64 -26.82
C GLU B 128 11.98 -6.72 -25.56
N TYR B 129 13.30 -6.62 -25.73
CA TYR B 129 14.17 -6.71 -24.56
C TYR B 129 13.90 -5.58 -23.56
N VAL B 130 13.45 -4.44 -24.08
CA VAL B 130 13.18 -3.29 -23.23
C VAL B 130 12.01 -3.56 -22.28
N ILE B 131 10.93 -4.13 -22.81
CA ILE B 131 9.77 -4.47 -22.00
C ILE B 131 10.05 -5.61 -21.01
N ARG B 132 10.86 -6.58 -21.42
CA ARG B 132 11.29 -7.63 -20.49
CA ARG B 132 11.31 -7.63 -20.51
C ARG B 132 12.02 -7.01 -19.31
N LYS B 133 12.95 -6.10 -19.59
CA LYS B 133 13.69 -5.43 -18.52
C LYS B 133 12.77 -4.58 -17.65
N HIS B 134 11.93 -3.76 -18.27
CA HIS B 134 11.03 -2.90 -17.48
C HIS B 134 10.16 -3.72 -16.54
N THR B 135 9.64 -4.83 -17.03
CA THR B 135 8.73 -5.65 -16.22
C THR B 135 9.47 -6.25 -15.02
N GLN B 136 10.68 -6.75 -15.26
CA GLN B 136 11.51 -7.26 -14.18
C GLN B 136 11.82 -6.18 -13.14
N GLN B 137 12.16 -4.99 -13.62
CA GLN B 137 12.49 -3.87 -12.72
C GLN B 137 11.27 -3.40 -11.92
N MET B 138 10.12 -3.35 -12.57
CA MET B 138 8.87 -3.01 -11.90
C MET B 138 8.59 -4.01 -10.77
N LYS B 139 8.73 -5.29 -11.06
CA LYS B 139 8.41 -6.30 -10.05
C LYS B 139 9.36 -6.24 -8.86
N LYS B 140 10.65 -6.01 -9.13
CA LYS B 140 11.65 -5.87 -8.06
C LYS B 140 11.43 -4.62 -7.21
N SER B 141 10.78 -3.62 -7.78
CA SER B 141 10.57 -2.35 -7.10
C SER B 141 9.47 -2.35 -6.06
N ILE B 142 8.51 -3.26 -6.20
CA ILE B 142 7.27 -3.15 -5.42
C ILE B 142 7.49 -3.15 -3.90
N LYS B 143 8.29 -4.09 -3.42
CA LYS B 143 8.43 -4.29 -1.97
C LYS B 143 8.95 -3.06 -1.23
N GLY B 144 9.89 -2.34 -1.85
CA GLY B 144 10.58 -1.27 -1.15
C GLY B 144 10.01 0.12 -1.33
N LEU B 145 8.89 0.25 -2.04
CA LEU B 145 8.34 1.59 -2.34
C LEU B 145 7.96 2.40 -1.10
N GLN B 146 7.31 1.76 -0.14
CA GLN B 146 6.94 2.48 1.08
C GLN B 146 8.17 3.03 1.79
N ARG B 147 9.20 2.20 1.91
CA ARG B 147 10.44 2.60 2.55
C ARG B 147 11.17 3.72 1.77
N GLU B 148 10.99 3.76 0.45
CA GLU B 148 11.55 4.89 -0.34
C GLU B 148 10.91 6.23 0.02
N GLY B 149 9.73 6.21 0.62
CA GLY B 149 9.05 7.45 0.95
C GLY B 149 7.68 7.62 0.34
N PHE B 150 7.19 6.60 -0.38
CA PHE B 150 5.82 6.68 -0.88
C PHE B 150 4.81 6.44 0.24
N ARG B 151 4.02 7.48 0.51
CA ARG B 151 3.10 7.48 1.65
C ARG B 151 1.84 6.68 1.38
N TYR B 152 1.50 6.54 0.10
CA TYR B 152 0.43 5.69 -0.38
CA TYR B 152 0.45 5.63 -0.34
C TYR B 152 1.04 4.82 -1.48
N VAL B 153 0.84 3.50 -1.40
CA VAL B 153 1.35 2.58 -2.41
C VAL B 153 0.19 1.73 -2.90
N TYR B 154 -0.16 1.91 -4.17
CA TYR B 154 -1.28 1.20 -4.79
C TYR B 154 -0.74 0.31 -5.90
N ILE B 155 -0.97 -1.00 -5.79
CA ILE B 155 -0.54 -1.95 -6.81
C ILE B 155 -1.76 -2.47 -7.56
N LEU B 156 -1.70 -2.36 -8.88
CA LEU B 156 -2.78 -2.83 -9.75
C LEU B 156 -2.31 -4.10 -10.42
N ASN B 157 -2.96 -5.23 -10.13
CA ASN B 157 -2.40 -6.52 -10.48
C ASN B 157 -2.96 -7.22 -11.71
N SER B 158 -3.83 -6.53 -12.43
CA SER B 158 -4.39 -7.07 -13.66
C SER B 158 -5.04 -5.95 -14.46
N PRO B 159 -5.27 -6.19 -15.76
CA PRO B 159 -5.98 -5.16 -16.51
C PRO B 159 -7.37 -4.88 -15.95
N GLU B 160 -8.00 -5.90 -15.38
CA GLU B 160 -9.31 -5.73 -14.76
C GLU B 160 -9.24 -4.77 -13.56
N GLU B 161 -8.19 -4.90 -12.75
CA GLU B 161 -8.02 -3.99 -11.61
C GLU B 161 -7.74 -2.57 -12.10
N VAL B 162 -6.94 -2.42 -13.15
CA VAL B 162 -6.66 -1.10 -13.70
C VAL B 162 -7.95 -0.43 -14.16
N GLU B 163 -8.76 -1.17 -14.90
CA GLU B 163 -10.00 -0.65 -15.46
C GLU B 163 -10.98 -0.18 -14.39
N GLU B 164 -10.95 -0.84 -13.22
CA GLU B 164 -11.86 -0.53 -12.13
C GLU B 164 -11.51 0.70 -11.30
N VAL B 165 -10.28 1.19 -11.43
CA VAL B 165 -9.80 2.27 -10.59
C VAL B 165 -10.67 3.53 -10.63
N VAL B 166 -10.96 4.07 -9.45
CA VAL B 166 -11.46 5.42 -9.33
C VAL B 166 -10.63 6.12 -8.26
N PHE B 167 -10.17 7.34 -8.54
CA PHE B 167 -9.47 8.13 -7.54
C PHE B 167 -10.43 8.93 -6.69
N GLU B 168 -10.18 8.97 -5.39
CA GLU B 168 -10.91 9.87 -4.50
C GLU B 168 -9.92 10.88 -3.91
N ARG B 169 -10.05 12.15 -4.32
CA ARG B 169 -9.14 13.20 -3.85
C ARG B 169 -9.66 13.83 -2.56
N GLN B 170 -8.85 13.80 -1.51
CA GLN B 170 -9.28 14.29 -0.21
C GLN B 170 -8.74 15.69 0.08
N PRO B 171 -9.65 16.66 0.30
CA PRO B 171 -9.27 18.01 0.71
C PRO B 171 -9.27 18.15 2.23
#